data_1OAK
#
_entry.id   1OAK
#
_cell.length_a   208.200
_cell.length_b   61.900
_cell.length_c   72.900
_cell.angle_alpha   90.00
_cell.angle_beta   108.60
_cell.angle_gamma   90.00
#
_symmetry.space_group_name_H-M   'C 1 2 1'
#
loop_
_entity.id
_entity.type
_entity.pdbx_description
1 polymer 'NMC-4 IGG1'
2 polymer 'NMC-4 IGG1'
3 polymer 'VON WILLEBRAND FACTOR'
4 water water
#
loop_
_entity_poly.entity_id
_entity_poly.type
_entity_poly.pdbx_seq_one_letter_code
_entity_poly.pdbx_strand_id
1 'polypeptide(L)'
;DIQMTQSPSSLSASLGDRVTISCSASQDINKYLNWYQQKPDGAVKLLIFYTSSLHSGVPSRFSGSGSGTDYSLTISNLEP
EDIATYYCQQYEKLPWTFGGGTKLEVKRADAAPTVSIFPPSSEQLTSGGASVVCFLNNFYPKDINVKWKIDGSERQNGVL
NSWTDQDSKDSTYSMSSTLTLTKDEYERHNSYTCEATHKTSTSPIVKSFNRN
;
L
2 'polypeptide(L)'
;QVQLAESGPGLVAPSQSLSITCTVSGFSLTDYGVDWVRQPPGKGLEWLGMIWGDGSTDYNSALKSRLSITKDNSKSQVFL
KMNSLQTDDTARYYCVRDPADYGNYDYALDYWGQGTSVTVSSAKTTPPSVYPLAPGSAAQTNSMVTLGCLVKGYFPEPVT
VTWNSGSLSSGVHTFPAVLQSDLYTLSSSVTVPSSTWPSETVTCNVAHPASSTKVDKKIVPRD
;
H
3 'polypeptide(L)'
;MYCSRLLDLVFLLDGSSRLSEAEFEVLKAFVVDMMERLRISQKWVRVAVVEYHDGSHAYIGLKDRKRPSELRRIASQVKY
AGSQVASTSEVLKYTLFQIFSKIDRPEASRIALLLMASQEPQRMSRNFVRYVQGLKKKKVIVIPVGIGPHANLKQIRLIE
KQAPENKAFVLSSVDELEQQRDEIVSYLCDLAPEAP
;
A
#
# COMPACT_ATOMS: atom_id res chain seq x y z
N ASP A 1 3.31 12.64 0.31
CA ASP A 1 3.38 11.31 -0.36
C ASP A 1 4.62 11.25 -1.24
N ILE A 2 5.43 10.20 -1.04
CA ILE A 2 6.62 10.05 -1.86
C ILE A 2 6.19 9.23 -3.08
N GLN A 3 6.42 9.79 -4.26
CA GLN A 3 6.02 9.12 -5.50
C GLN A 3 7.05 8.12 -6.02
N MET A 4 6.64 6.86 -6.09
CA MET A 4 7.49 5.77 -6.56
C MET A 4 7.21 5.48 -8.02
N THR A 5 8.25 5.60 -8.84
CA THR A 5 8.08 5.37 -10.27
C THR A 5 8.75 4.13 -10.81
N GLN A 6 7.97 3.33 -11.51
CA GLN A 6 8.43 2.10 -12.14
C GLN A 6 8.15 2.36 -13.62
N SER A 7 9.15 2.87 -14.33
CA SER A 7 9.03 3.19 -15.75
C SER A 7 8.37 2.10 -16.63
N PRO A 8 9.03 0.95 -16.84
CA PRO A 8 8.31 -0.02 -17.67
C PRO A 8 7.21 -0.66 -16.87
N SER A 9 5.99 -0.66 -17.42
CA SER A 9 4.86 -1.28 -16.75
C SER A 9 4.78 -2.68 -17.34
N SER A 10 5.23 -2.83 -18.58
CA SER A 10 5.25 -4.14 -19.26
C SER A 10 6.69 -4.51 -19.57
N LEU A 11 7.06 -5.74 -19.27
CA LEU A 11 8.42 -6.18 -19.50
C LEU A 11 8.40 -7.56 -20.12
N SER A 12 8.79 -7.64 -21.39
CA SER A 12 8.83 -8.92 -22.12
C SER A 12 10.16 -9.59 -21.87
N ALA A 13 10.11 -10.88 -21.57
CA ALA A 13 11.33 -11.62 -21.31
C ALA A 13 11.10 -13.05 -21.75
N SER A 14 12.15 -13.84 -21.68
CA SER A 14 12.05 -15.23 -22.07
C SER A 14 12.50 -16.01 -20.86
N LEU A 15 11.87 -17.16 -20.64
CA LEU A 15 12.24 -17.98 -19.51
C LEU A 15 13.75 -18.22 -19.56
N GLY A 16 14.42 -18.07 -18.43
CA GLY A 16 15.86 -18.26 -18.38
C GLY A 16 16.53 -16.90 -18.40
N ASP A 17 15.86 -15.92 -18.98
CA ASP A 17 16.41 -14.58 -19.06
C ASP A 17 16.68 -14.03 -17.68
N ARG A 18 17.54 -13.04 -17.64
CA ARG A 18 17.89 -12.37 -16.40
C ARG A 18 17.09 -11.09 -16.53
N VAL A 19 16.19 -10.85 -15.58
CA VAL A 19 15.35 -9.67 -15.63
C VAL A 19 15.64 -8.68 -14.50
N THR A 20 15.55 -7.40 -14.83
CA THR A 20 15.78 -6.37 -13.85
C THR A 20 14.65 -5.35 -13.93
N ILE A 21 14.00 -5.11 -12.80
CA ILE A 21 12.91 -4.14 -12.71
C ILE A 21 13.41 -2.93 -11.94
N SER A 22 13.16 -1.74 -12.45
CA SER A 22 13.62 -0.54 -11.79
C SER A 22 12.51 0.21 -11.04
N CYS A 23 12.91 0.81 -9.93
CA CYS A 23 12.03 1.62 -9.10
C CYS A 23 12.84 2.84 -8.68
N SER A 24 12.28 4.02 -8.86
CA SER A 24 12.98 5.23 -8.45
C SER A 24 12.07 6.05 -7.55
N ALA A 25 12.64 6.76 -6.58
CA ALA A 25 11.88 7.56 -5.63
C ALA A 25 11.99 9.05 -5.92
N SER A 26 10.94 9.79 -5.57
CA SER A 26 10.95 11.23 -5.79
C SER A 26 12.00 11.91 -4.90
N GLN A 27 12.49 11.20 -3.89
CA GLN A 27 13.49 11.74 -2.97
C GLN A 27 14.28 10.61 -2.34
N ASP A 28 15.31 10.97 -1.58
CA ASP A 28 16.15 9.99 -0.92
C ASP A 28 15.30 9.20 0.10
N ILE A 29 15.31 7.87 0.02
CA ILE A 29 14.52 7.05 0.94
C ILE A 29 15.35 6.09 1.76
N ASN A 30 16.62 6.42 1.95
CA ASN A 30 17.54 5.63 2.75
C ASN A 30 17.40 4.11 2.74
N LYS A 31 17.26 3.53 1.55
CA LYS A 31 17.13 2.09 1.40
C LYS A 31 15.90 1.50 2.06
N TYR A 32 14.92 2.35 2.39
CA TYR A 32 13.69 1.84 2.99
C TYR A 32 12.75 1.51 1.84
N LEU A 33 13.06 0.43 1.15
CA LEU A 33 12.27 0.00 0.01
C LEU A 33 12.05 -1.50 0.05
N ASN A 34 10.82 -1.92 -0.26
CA ASN A 34 10.44 -3.34 -0.26
C ASN A 34 9.94 -3.71 -1.64
N TRP A 35 10.01 -5.00 -2.01
CA TRP A 35 9.54 -5.45 -3.32
C TRP A 35 8.47 -6.52 -3.16
N TYR A 36 7.35 -6.33 -3.84
CA TYR A 36 6.25 -7.26 -3.73
C TYR A 36 5.91 -7.88 -5.07
N GLN A 37 5.38 -9.10 -4.99
CA GLN A 37 4.98 -9.82 -6.18
C GLN A 37 3.52 -10.21 -6.12
N GLN A 38 2.79 -9.89 -7.17
CA GLN A 38 1.40 -10.25 -7.27
C GLN A 38 1.28 -11.21 -8.46
N LYS A 39 1.03 -12.49 -8.19
CA LYS A 39 0.91 -13.45 -9.28
C LYS A 39 -0.37 -13.21 -10.05
N PRO A 40 -0.49 -13.80 -11.25
CA PRO A 40 -1.69 -13.62 -12.07
C PRO A 40 -3.01 -14.00 -11.40
N ASP A 41 -2.96 -14.90 -10.42
CA ASP A 41 -4.16 -15.30 -9.72
C ASP A 41 -4.48 -14.32 -8.58
N GLY A 42 -3.73 -13.23 -8.49
CA GLY A 42 -3.98 -12.23 -7.48
C GLY A 42 -3.17 -12.25 -6.19
N ALA A 43 -2.56 -13.38 -5.87
CA ALA A 43 -1.77 -13.49 -4.66
C ALA A 43 -0.65 -12.46 -4.57
N VAL A 44 -0.52 -11.82 -3.42
CA VAL A 44 0.54 -10.85 -3.22
C VAL A 44 1.45 -11.40 -2.16
N LYS A 45 2.76 -11.29 -2.38
CA LYS A 45 3.73 -11.76 -1.41
C LYS A 45 4.89 -10.79 -1.37
N LEU A 46 5.55 -10.71 -0.22
CA LEU A 46 6.70 -9.84 -0.08
C LEU A 46 7.88 -10.66 -0.56
N LEU A 47 8.73 -10.06 -1.38
CA LEU A 47 9.90 -10.74 -1.90
C LEU A 47 11.18 -10.23 -1.23
N ILE A 48 11.40 -8.93 -1.31
CA ILE A 48 12.58 -8.32 -0.73
C ILE A 48 12.23 -7.14 0.16
N PHE A 49 12.92 -7.02 1.28
CA PHE A 49 12.66 -5.90 2.18
C PHE A 49 13.96 -5.18 2.49
N TYR A 50 13.85 -3.93 2.86
CA TYR A 50 15.01 -3.13 3.17
C TYR A 50 16.04 -3.21 2.03
N THR A 51 15.54 -2.98 0.82
CA THR A 51 16.34 -2.97 -0.40
C THR A 51 16.89 -4.30 -0.92
N SER A 52 17.50 -5.10 -0.06
CA SER A 52 18.08 -6.36 -0.50
C SER A 52 17.88 -7.64 0.30
N SER A 53 17.15 -7.60 1.40
CA SER A 53 16.95 -8.82 2.18
C SER A 53 15.83 -9.66 1.59
N LEU A 54 16.09 -10.94 1.37
CA LEU A 54 15.06 -11.80 0.80
C LEU A 54 14.12 -12.24 1.89
N HIS A 55 12.84 -12.37 1.56
CA HIS A 55 11.87 -12.80 2.55
C HIS A 55 11.86 -14.34 2.67
N SER A 56 11.46 -14.84 3.83
CA SER A 56 11.39 -16.28 4.07
C SER A 56 10.86 -17.06 2.86
N GLY A 57 11.58 -18.13 2.50
CA GLY A 57 11.17 -18.97 1.40
C GLY A 57 11.38 -18.42 -0.01
N VAL A 58 11.79 -17.17 -0.13
CA VAL A 58 12.01 -16.58 -1.44
C VAL A 58 13.30 -17.10 -2.06
N PRO A 59 13.21 -17.61 -3.30
CA PRO A 59 14.35 -18.17 -4.06
C PRO A 59 15.48 -17.15 -4.21
N SER A 60 16.71 -17.64 -4.28
CA SER A 60 17.86 -16.77 -4.40
C SER A 60 18.04 -16.13 -5.76
N ARG A 61 17.20 -16.49 -6.74
CA ARG A 61 17.34 -15.85 -8.03
C ARG A 61 16.88 -14.40 -7.93
N PHE A 62 16.14 -14.11 -6.87
CA PHE A 62 15.68 -12.75 -6.65
C PHE A 62 16.72 -12.04 -5.78
N SER A 63 17.03 -10.81 -6.17
CA SER A 63 17.99 -10.04 -5.40
C SER A 63 17.58 -8.60 -5.62
N GLY A 64 17.82 -7.76 -4.62
CA GLY A 64 17.47 -6.37 -4.76
C GLY A 64 18.67 -5.51 -4.45
N SER A 65 18.72 -4.31 -4.99
CA SER A 65 19.83 -3.42 -4.71
C SER A 65 19.38 -1.99 -4.89
N GLY A 66 20.28 -1.06 -4.58
CA GLY A 66 19.97 0.34 -4.74
C GLY A 66 20.26 1.14 -3.49
N SER A 67 20.00 2.44 -3.58
CA SER A 67 20.19 3.35 -2.46
C SER A 67 19.77 4.71 -2.99
N GLY A 68 19.67 5.69 -2.10
CA GLY A 68 19.26 7.01 -2.51
C GLY A 68 17.87 6.97 -3.14
N THR A 69 17.77 7.30 -4.44
CA THR A 69 16.49 7.29 -5.13
C THR A 69 16.27 6.15 -6.10
N ASP A 70 17.34 5.45 -6.49
CA ASP A 70 17.22 4.35 -7.46
C ASP A 70 17.40 2.96 -6.86
N TYR A 71 16.45 2.09 -7.13
CA TYR A 71 16.49 0.73 -6.63
C TYR A 71 16.09 -0.23 -7.76
N SER A 72 16.38 -1.50 -7.58
CA SER A 72 16.01 -2.45 -8.61
C SER A 72 15.91 -3.85 -8.04
N LEU A 73 15.12 -4.67 -8.73
CA LEU A 73 14.93 -6.06 -8.37
C LEU A 73 15.48 -6.83 -9.55
N THR A 74 16.15 -7.93 -9.27
CA THR A 74 16.72 -8.72 -10.34
C THR A 74 16.37 -10.20 -10.17
N ILE A 75 15.99 -10.82 -11.28
CA ILE A 75 15.67 -12.23 -11.30
C ILE A 75 16.82 -12.79 -12.16
N SER A 76 17.74 -13.50 -11.53
CA SER A 76 18.90 -14.08 -12.23
C SER A 76 18.47 -14.87 -13.46
N ASN A 77 17.62 -15.87 -13.25
CA ASN A 77 17.13 -16.70 -14.35
C ASN A 77 15.60 -16.76 -14.19
N LEU A 78 14.89 -16.23 -15.16
CA LEU A 78 13.43 -16.19 -15.11
C LEU A 78 12.77 -17.55 -15.14
N GLU A 79 12.01 -17.86 -14.10
CA GLU A 79 11.28 -19.12 -14.08
C GLU A 79 9.86 -18.80 -14.47
N PRO A 80 9.12 -19.79 -15.00
CA PRO A 80 7.74 -19.54 -15.41
C PRO A 80 6.86 -18.93 -14.33
N GLU A 81 6.92 -19.50 -13.13
CA GLU A 81 6.12 -19.01 -12.02
C GLU A 81 6.50 -17.59 -11.60
N ASP A 82 7.52 -17.03 -12.25
CA ASP A 82 7.97 -15.68 -11.93
C ASP A 82 7.18 -14.67 -12.75
N ILE A 83 6.35 -15.18 -13.64
CA ILE A 83 5.54 -14.31 -14.47
C ILE A 83 4.45 -13.72 -13.56
N ALA A 84 4.57 -12.42 -13.30
CA ALA A 84 3.63 -11.73 -12.42
C ALA A 84 3.90 -10.25 -12.43
N THR A 85 3.27 -9.52 -11.51
CA THR A 85 3.49 -8.09 -11.44
C THR A 85 4.32 -7.77 -10.22
N TYR A 86 5.29 -6.86 -10.38
CA TYR A 86 6.17 -6.49 -9.29
C TYR A 86 6.03 -5.03 -8.88
N TYR A 87 5.91 -4.82 -7.58
CA TYR A 87 5.74 -3.49 -7.02
C TYR A 87 6.80 -3.16 -5.99
N CYS A 88 7.34 -1.96 -6.06
CA CYS A 88 8.29 -1.50 -5.06
C CYS A 88 7.46 -0.63 -4.12
N GLN A 89 7.91 -0.44 -2.88
CA GLN A 89 7.15 0.34 -1.90
C GLN A 89 8.09 1.00 -0.91
N GLN A 90 7.95 2.31 -0.70
CA GLN A 90 8.83 3.01 0.24
C GLN A 90 8.23 3.08 1.65
N TYR A 91 9.10 3.14 2.65
CA TYR A 91 8.66 3.29 4.03
C TYR A 91 9.59 4.28 4.71
N GLU A 92 9.94 5.30 3.93
CA GLU A 92 10.80 6.39 4.38
C GLU A 92 9.92 7.39 5.14
N LYS A 93 8.72 7.59 4.63
CA LYS A 93 7.79 8.52 5.23
C LYS A 93 6.36 8.10 4.93
N LEU A 94 5.50 8.17 5.94
CA LEU A 94 4.10 7.82 5.75
C LEU A 94 3.41 8.85 4.85
N PRO A 95 2.38 8.42 4.11
CA PRO A 95 1.93 7.03 4.15
C PRO A 95 2.79 6.22 3.18
N TRP A 96 2.81 4.90 3.37
CA TRP A 96 3.58 4.03 2.50
C TRP A 96 3.04 4.16 1.08
N THR A 97 3.92 4.32 0.10
CA THR A 97 3.48 4.41 -1.29
C THR A 97 4.15 3.35 -2.16
N PHE A 98 3.39 2.79 -3.11
CA PHE A 98 3.88 1.74 -4.01
C PHE A 98 4.17 2.34 -5.37
N GLY A 99 4.91 1.60 -6.18
CA GLY A 99 5.20 2.06 -7.53
C GLY A 99 4.04 1.57 -8.38
N GLY A 100 3.94 2.09 -9.59
CA GLY A 100 2.86 1.68 -10.48
C GLY A 100 2.87 0.21 -10.86
N GLY A 101 4.00 -0.48 -10.63
CA GLY A 101 4.09 -1.89 -10.95
C GLY A 101 4.65 -2.25 -12.32
N THR A 102 5.25 -3.43 -12.41
CA THR A 102 5.81 -3.89 -13.67
C THR A 102 5.40 -5.34 -13.89
N LYS A 103 4.61 -5.56 -14.92
CA LYS A 103 4.11 -6.88 -15.27
C LYS A 103 5.02 -7.58 -16.26
N LEU A 104 5.48 -8.76 -15.91
CA LEU A 104 6.34 -9.55 -16.78
C LEU A 104 5.50 -10.28 -17.80
N GLU A 105 5.91 -10.16 -19.06
CA GLU A 105 5.22 -10.82 -20.16
C GLU A 105 6.20 -11.77 -20.86
N VAL A 106 5.71 -12.93 -21.26
CA VAL A 106 6.53 -13.91 -21.95
C VAL A 106 6.66 -13.60 -23.44
N LYS A 107 7.89 -13.65 -23.94
CA LYS A 107 8.18 -13.38 -25.35
C LYS A 107 7.78 -14.56 -26.22
N ARG A 108 7.25 -14.26 -27.40
CA ARG A 108 6.84 -15.29 -28.34
C ARG A 108 6.79 -14.69 -29.73
N ALA A 109 6.70 -15.56 -30.73
CA ALA A 109 6.66 -15.12 -32.11
C ALA A 109 5.41 -14.31 -32.39
N ASP A 110 5.56 -13.22 -33.14
CA ASP A 110 4.44 -12.39 -33.48
C ASP A 110 3.31 -13.26 -34.03
N ALA A 111 2.07 -12.83 -33.79
CA ALA A 111 0.88 -13.54 -34.24
C ALA A 111 -0.20 -12.54 -34.64
N ALA A 112 -0.89 -12.80 -35.74
CA ALA A 112 -1.92 -11.89 -36.19
C ALA A 112 -3.25 -12.22 -35.55
N PRO A 113 -4.07 -11.19 -35.29
CA PRO A 113 -5.37 -11.39 -34.68
C PRO A 113 -6.34 -12.14 -35.58
N THR A 114 -7.11 -13.04 -34.97
CA THR A 114 -8.12 -13.80 -35.70
C THR A 114 -9.40 -13.02 -35.42
N VAL A 115 -9.72 -12.11 -36.33
CA VAL A 115 -10.89 -11.24 -36.21
C VAL A 115 -12.22 -11.87 -36.65
N SER A 116 -13.23 -11.73 -35.80
CA SER A 116 -14.56 -12.25 -36.10
C SER A 116 -15.60 -11.19 -35.73
N ILE A 117 -16.45 -10.82 -36.68
CA ILE A 117 -17.50 -9.82 -36.42
C ILE A 117 -18.88 -10.47 -36.27
N PHE A 118 -19.65 -10.03 -35.28
CA PHE A 118 -20.97 -10.59 -35.03
C PHE A 118 -22.13 -9.59 -35.08
N PRO A 119 -23.14 -9.85 -35.92
CA PRO A 119 -24.26 -8.91 -35.97
C PRO A 119 -25.08 -9.17 -34.71
N PRO A 120 -25.94 -8.22 -34.31
CA PRO A 120 -26.77 -8.38 -33.11
C PRO A 120 -27.68 -9.60 -33.19
N SER A 121 -27.76 -10.36 -32.10
CA SER A 121 -28.66 -11.51 -32.08
C SER A 121 -30.06 -10.94 -32.23
N SER A 122 -30.92 -11.64 -32.96
CA SER A 122 -32.28 -11.15 -33.17
C SER A 122 -32.99 -10.93 -31.85
N GLU A 123 -32.68 -11.79 -30.88
CA GLU A 123 -33.26 -11.72 -29.56
C GLU A 123 -32.93 -10.41 -28.87
N GLN A 124 -31.76 -9.89 -29.17
CA GLN A 124 -31.34 -8.64 -28.58
C GLN A 124 -32.15 -7.52 -29.22
N LEU A 125 -32.19 -7.55 -30.55
CA LEU A 125 -32.92 -6.55 -31.30
C LEU A 125 -34.35 -6.49 -30.79
N THR A 126 -34.83 -7.64 -30.35
CA THR A 126 -36.18 -7.76 -29.81
C THR A 126 -36.37 -6.87 -28.58
N SER A 127 -35.33 -6.14 -28.23
CA SER A 127 -35.37 -5.25 -27.07
C SER A 127 -34.85 -3.88 -27.45
N GLY A 128 -35.00 -3.54 -28.73
CA GLY A 128 -34.56 -2.25 -29.21
C GLY A 128 -33.06 -2.11 -29.04
N GLY A 129 -32.40 -3.24 -28.81
CA GLY A 129 -30.95 -3.22 -28.64
C GLY A 129 -30.23 -3.80 -29.84
N ALA A 130 -29.09 -3.21 -30.17
CA ALA A 130 -28.29 -3.67 -31.30
C ALA A 130 -26.80 -3.54 -30.99
N SER A 131 -26.20 -4.62 -30.51
CA SER A 131 -24.77 -4.66 -30.18
C SER A 131 -24.00 -5.49 -31.20
N VAL A 132 -23.08 -4.86 -31.91
CA VAL A 132 -22.25 -5.56 -32.88
C VAL A 132 -20.95 -5.89 -32.16
N VAL A 133 -20.64 -7.18 -32.06
CA VAL A 133 -19.43 -7.62 -31.37
C VAL A 133 -18.30 -8.01 -32.32
N CYS A 134 -17.09 -7.61 -31.96
CA CYS A 134 -15.91 -7.94 -32.76
C CYS A 134 -14.81 -8.54 -31.90
N PHE A 135 -14.47 -9.80 -32.18
CA PHE A 135 -13.43 -10.51 -31.43
C PHE A 135 -12.10 -10.46 -32.18
N LEU A 136 -11.05 -10.01 -31.48
CA LEU A 136 -9.72 -9.96 -32.07
C LEU A 136 -8.97 -10.95 -31.21
N ASN A 137 -8.87 -12.18 -31.68
CA ASN A 137 -8.25 -13.23 -30.89
C ASN A 137 -6.83 -13.67 -31.17
N ASN A 138 -6.22 -14.24 -30.14
CA ASN A 138 -4.86 -14.76 -30.12
C ASN A 138 -3.78 -14.05 -30.92
N PHE A 139 -3.47 -12.80 -30.55
CA PHE A 139 -2.43 -12.07 -31.25
C PHE A 139 -1.26 -11.75 -30.33
N TYR A 140 -0.16 -11.33 -30.94
CA TYR A 140 1.04 -10.95 -30.23
C TYR A 140 1.84 -10.09 -31.20
N PRO A 141 2.42 -8.98 -30.71
CA PRO A 141 2.39 -8.45 -29.35
C PRO A 141 1.02 -7.92 -28.93
N LYS A 142 0.90 -7.58 -27.65
CA LYS A 142 -0.34 -7.09 -27.05
C LYS A 142 -0.90 -5.79 -27.66
N ASP A 143 -0.03 -4.96 -28.20
CA ASP A 143 -0.45 -3.69 -28.77
C ASP A 143 -1.32 -3.88 -30.01
N ILE A 144 -2.49 -3.26 -30.00
CA ILE A 144 -3.43 -3.36 -31.11
C ILE A 144 -4.46 -2.25 -31.05
N ASN A 145 -5.04 -1.93 -32.20
CA ASN A 145 -6.08 -0.91 -32.22
C ASN A 145 -7.21 -1.38 -33.12
N VAL A 146 -8.44 -1.06 -32.73
CA VAL A 146 -9.60 -1.45 -33.51
C VAL A 146 -10.29 -0.17 -33.96
N LYS A 147 -11.12 -0.29 -34.98
CA LYS A 147 -11.85 0.86 -35.48
C LYS A 147 -13.19 0.38 -35.98
N TRP A 148 -14.24 1.14 -35.70
CA TRP A 148 -15.54 0.75 -36.17
C TRP A 148 -15.92 1.61 -37.34
N LYS A 149 -16.68 1.01 -38.24
CA LYS A 149 -17.12 1.67 -39.44
C LYS A 149 -18.53 1.24 -39.78
N ILE A 150 -19.39 2.22 -39.99
CA ILE A 150 -20.76 1.96 -40.35
C ILE A 150 -20.89 2.61 -41.70
N ASP A 151 -21.29 1.82 -42.70
CA ASP A 151 -21.45 2.31 -44.05
C ASP A 151 -20.30 3.24 -44.44
N GLY A 152 -19.08 2.78 -44.16
CA GLY A 152 -17.90 3.54 -44.52
C GLY A 152 -17.42 4.58 -43.52
N SER A 153 -18.35 5.23 -42.83
CA SER A 153 -17.99 6.24 -41.84
C SER A 153 -17.58 5.60 -40.52
N GLU A 154 -16.53 6.12 -39.89
CA GLU A 154 -16.02 5.58 -38.63
C GLU A 154 -16.85 6.00 -37.42
N ARG A 155 -16.95 5.13 -36.42
CA ARG A 155 -17.73 5.43 -35.23
C ARG A 155 -16.94 5.17 -33.96
N GLN A 156 -16.87 6.16 -33.07
CA GLN A 156 -16.14 5.97 -31.82
C GLN A 156 -16.97 6.29 -30.58
N ASN A 157 -18.27 6.09 -30.69
CA ASN A 157 -19.17 6.34 -29.56
C ASN A 157 -20.08 5.12 -29.48
N GLY A 158 -20.17 4.55 -28.27
CA GLY A 158 -20.99 3.38 -28.08
C GLY A 158 -20.12 2.13 -28.12
N VAL A 159 -18.81 2.35 -28.24
CA VAL A 159 -17.87 1.25 -28.32
C VAL A 159 -17.22 0.91 -26.97
N LEU A 160 -17.29 -0.36 -26.58
CA LEU A 160 -16.70 -0.82 -25.34
C LEU A 160 -15.63 -1.87 -25.63
N ASN A 161 -14.42 -1.65 -25.13
CA ASN A 161 -13.33 -2.58 -25.38
C ASN A 161 -12.85 -3.33 -24.16
N SER A 162 -12.61 -4.63 -24.32
CA SER A 162 -12.09 -5.43 -23.21
C SER A 162 -10.90 -6.23 -23.69
N TRP A 163 -9.81 -6.17 -22.94
CA TRP A 163 -8.58 -6.89 -23.29
C TRP A 163 -8.30 -7.99 -22.28
N THR A 164 -7.75 -9.10 -22.75
CA THR A 164 -7.43 -10.21 -21.87
C THR A 164 -5.95 -10.14 -21.55
N ASP A 165 -5.55 -10.79 -20.47
CA ASP A 165 -4.15 -10.81 -20.10
C ASP A 165 -3.47 -11.92 -20.91
N GLN A 166 -2.14 -11.90 -20.97
CA GLN A 166 -1.40 -12.89 -21.72
C GLN A 166 -1.84 -14.32 -21.43
N ASP A 167 -2.13 -15.08 -22.49
CA ASP A 167 -2.57 -16.47 -22.37
C ASP A 167 -1.50 -17.38 -21.76
N SER A 168 -1.88 -18.15 -20.73
CA SER A 168 -0.92 -19.01 -20.04
C SER A 168 -0.20 -19.98 -20.98
N LYS A 169 -0.93 -20.54 -21.94
CA LYS A 169 -0.28 -21.44 -22.87
C LYS A 169 -0.57 -21.04 -24.30
N ASP A 170 0.42 -20.40 -24.90
CA ASP A 170 0.40 -19.89 -26.27
C ASP A 170 0.79 -18.42 -26.23
N SER A 171 0.91 -17.91 -25.01
CA SER A 171 1.30 -16.53 -24.70
C SER A 171 0.78 -15.42 -25.60
N THR A 172 -0.45 -15.56 -26.05
CA THR A 172 -1.05 -14.55 -26.92
C THR A 172 -1.98 -13.68 -26.08
N TYR A 173 -2.61 -12.72 -26.76
CA TYR A 173 -3.55 -11.79 -26.15
C TYR A 173 -4.81 -11.79 -27.01
N SER A 174 -5.93 -11.44 -26.42
CA SER A 174 -7.21 -11.37 -27.12
C SER A 174 -7.94 -10.14 -26.61
N MET A 175 -8.74 -9.53 -27.46
CA MET A 175 -9.49 -8.37 -27.06
C MET A 175 -10.86 -8.39 -27.73
N SER A 176 -11.81 -7.69 -27.12
CA SER A 176 -13.15 -7.63 -27.68
C SER A 176 -13.54 -6.18 -27.81
N SER A 177 -14.34 -5.91 -28.84
CA SER A 177 -14.82 -4.56 -29.07
C SER A 177 -16.29 -4.68 -29.37
N THR A 178 -17.09 -3.85 -28.72
CA THR A 178 -18.52 -3.93 -28.94
C THR A 178 -19.14 -2.58 -29.26
N LEU A 179 -19.81 -2.52 -30.39
CA LEU A 179 -20.48 -1.30 -30.80
C LEU A 179 -21.94 -1.49 -30.45
N THR A 180 -22.42 -0.74 -29.45
CA THR A 180 -23.80 -0.85 -29.04
C THR A 180 -24.56 0.31 -29.65
N LEU A 181 -25.68 0.00 -30.30
CA LEU A 181 -26.52 0.99 -30.96
C LEU A 181 -27.99 0.72 -30.64
N THR A 182 -28.86 1.65 -31.00
CA THR A 182 -30.28 1.46 -30.81
C THR A 182 -30.74 0.68 -32.03
N LYS A 183 -31.73 -0.17 -31.84
CA LYS A 183 -32.24 -0.97 -32.96
C LYS A 183 -32.50 -0.03 -34.12
N ASP A 184 -33.03 1.16 -33.81
CA ASP A 184 -33.34 2.15 -34.83
C ASP A 184 -32.11 2.62 -35.62
N GLU A 185 -31.04 3.01 -34.92
CA GLU A 185 -29.84 3.46 -35.61
C GLU A 185 -29.26 2.32 -36.42
N TYR A 186 -29.32 1.13 -35.85
CA TYR A 186 -28.80 -0.08 -36.49
C TYR A 186 -29.52 -0.43 -37.79
N GLU A 187 -30.85 -0.44 -37.74
CA GLU A 187 -31.63 -0.77 -38.92
C GLU A 187 -31.67 0.41 -39.88
N ARG A 188 -30.90 1.45 -39.57
CA ARG A 188 -30.84 2.64 -40.40
C ARG A 188 -29.65 2.54 -41.36
N HIS A 189 -28.77 1.58 -41.10
CA HIS A 189 -27.58 1.38 -41.91
C HIS A 189 -27.40 -0.06 -42.35
N ASN A 190 -26.49 -0.27 -43.31
CA ASN A 190 -26.25 -1.60 -43.86
C ASN A 190 -24.89 -2.22 -43.55
N SER A 191 -23.82 -1.53 -43.91
CA SER A 191 -22.48 -2.06 -43.69
C SER A 191 -21.93 -1.79 -42.30
N TYR A 192 -21.39 -2.84 -41.71
CA TYR A 192 -20.81 -2.77 -40.37
C TYR A 192 -19.47 -3.43 -40.41
N THR A 193 -18.45 -2.60 -40.29
CA THR A 193 -17.10 -3.07 -40.37
C THR A 193 -16.32 -2.85 -39.10
N CYS A 194 -15.44 -3.80 -38.83
CA CYS A 194 -14.56 -3.78 -37.66
C CYS A 194 -13.16 -3.95 -38.22
N GLU A 195 -12.27 -2.99 -37.94
CA GLU A 195 -10.91 -3.05 -38.46
C GLU A 195 -9.85 -3.17 -37.39
N ALA A 196 -9.04 -4.21 -37.54
CA ALA A 196 -7.94 -4.48 -36.62
C ALA A 196 -6.66 -3.94 -37.26
N THR A 197 -5.85 -3.30 -36.43
CA THR A 197 -4.58 -2.73 -36.89
C THR A 197 -3.54 -3.28 -35.94
N HIS A 198 -2.72 -4.19 -36.46
CA HIS A 198 -1.69 -4.81 -35.65
C HIS A 198 -0.35 -4.89 -36.38
N LYS A 199 0.72 -5.08 -35.61
CA LYS A 199 2.10 -5.18 -36.13
C LYS A 199 2.23 -6.20 -37.26
N THR A 200 1.72 -7.40 -37.00
CA THR A 200 1.76 -8.51 -37.95
C THR A 200 1.24 -8.22 -39.35
N SER A 201 0.47 -7.16 -39.52
CA SER A 201 -0.08 -6.84 -40.84
C SER A 201 -0.03 -5.36 -41.18
N THR A 202 0.50 -5.01 -42.34
CA THR A 202 0.57 -3.61 -42.73
C THR A 202 -0.76 -3.14 -43.35
N SER A 203 -1.56 -4.10 -43.80
CA SER A 203 -2.87 -3.79 -44.37
C SER A 203 -3.89 -4.14 -43.29
N PRO A 204 -4.84 -3.24 -43.01
CA PRO A 204 -5.88 -3.44 -41.99
C PRO A 204 -6.64 -4.76 -42.12
N ILE A 205 -6.65 -5.55 -41.04
CA ILE A 205 -7.37 -6.81 -41.03
C ILE A 205 -8.84 -6.47 -40.81
N VAL A 206 -9.56 -6.34 -41.92
CA VAL A 206 -10.96 -5.97 -41.92
C VAL A 206 -11.96 -7.12 -41.86
N LYS A 207 -13.09 -6.85 -41.21
CA LYS A 207 -14.19 -7.80 -41.07
C LYS A 207 -15.46 -6.97 -41.23
N SER A 208 -16.48 -7.53 -41.85
CA SER A 208 -17.71 -6.77 -42.05
C SER A 208 -18.90 -7.59 -42.47
N PHE A 209 -20.08 -6.98 -42.41
CA PHE A 209 -21.32 -7.62 -42.82
C PHE A 209 -22.35 -6.59 -43.23
N ASN A 210 -23.17 -6.96 -44.21
CA ASN A 210 -24.22 -6.09 -44.72
C ASN A 210 -25.50 -6.59 -44.09
N ARG A 211 -26.43 -5.68 -43.81
CA ARG A 211 -27.69 -6.08 -43.19
C ARG A 211 -28.65 -6.77 -44.16
N ASN A 212 -28.21 -7.90 -44.74
CA ASN A 212 -29.06 -8.67 -45.64
C ASN A 212 -29.70 -9.82 -44.84
N GLN B 1 0.28 -21.88 9.29
CA GLN B 1 0.95 -20.91 10.20
C GLN B 1 0.33 -19.51 10.07
N VAL B 2 1.13 -18.51 9.73
CA VAL B 2 0.63 -17.14 9.59
C VAL B 2 -0.45 -17.04 8.51
N GLN B 3 -1.62 -16.57 8.89
CA GLN B 3 -2.74 -16.42 7.97
C GLN B 3 -3.52 -15.15 8.27
N LEU B 4 -4.26 -14.69 7.27
CA LEU B 4 -5.08 -13.49 7.39
C LEU B 4 -6.22 -13.68 6.40
N ALA B 5 -7.45 -13.66 6.88
CA ALA B 5 -8.60 -13.85 5.98
C ALA B 5 -9.59 -12.70 6.13
N GLU B 6 -10.03 -12.17 4.99
CA GLU B 6 -10.98 -11.07 4.99
C GLU B 6 -12.42 -11.57 4.88
N SER B 7 -13.34 -10.78 5.42
CA SER B 7 -14.77 -11.09 5.37
C SER B 7 -15.40 -9.74 5.17
N GLY B 8 -15.78 -9.44 3.93
CA GLY B 8 -16.36 -8.15 3.63
C GLY B 8 -17.81 -8.24 3.20
N PRO B 9 -18.44 -7.08 2.91
CA PRO B 9 -19.83 -6.97 2.48
C PRO B 9 -20.04 -7.37 1.04
N GLY B 10 -18.96 -7.31 0.28
CA GLY B 10 -19.05 -7.63 -1.12
C GLY B 10 -19.55 -6.36 -1.77
N LEU B 11 -20.74 -5.93 -1.38
CA LEU B 11 -21.30 -4.72 -1.97
C LEU B 11 -21.49 -3.61 -0.94
N VAL B 12 -21.51 -2.37 -1.42
CA VAL B 12 -21.69 -1.21 -0.56
C VAL B 12 -22.29 -0.08 -1.38
N ALA B 13 -23.41 0.47 -0.90
CA ALA B 13 -24.08 1.56 -1.60
C ALA B 13 -23.30 2.83 -1.35
N PRO B 14 -23.31 3.78 -2.30
CA PRO B 14 -22.56 5.02 -2.04
C PRO B 14 -23.04 5.65 -0.74
N SER B 15 -22.24 6.54 -0.15
CA SER B 15 -22.62 7.21 1.10
C SER B 15 -22.64 6.27 2.30
N GLN B 16 -22.75 4.98 2.04
CA GLN B 16 -22.78 3.96 3.08
C GLN B 16 -21.36 3.67 3.57
N SER B 17 -21.23 2.68 4.44
CA SER B 17 -19.92 2.37 4.97
C SER B 17 -19.47 0.92 4.72
N LEU B 18 -18.16 0.75 4.72
CA LEU B 18 -17.60 -0.56 4.50
C LEU B 18 -17.15 -1.11 5.84
N SER B 19 -17.46 -2.37 6.08
CA SER B 19 -17.06 -3.03 7.31
C SER B 19 -16.45 -4.37 6.93
N ILE B 20 -15.16 -4.53 7.22
CA ILE B 20 -14.46 -5.76 6.92
C ILE B 20 -13.74 -6.26 8.15
N THR B 21 -13.89 -7.54 8.45
CA THR B 21 -13.22 -8.12 9.59
C THR B 21 -12.07 -8.93 9.05
N CYS B 22 -10.91 -8.83 9.68
CA CYS B 22 -9.76 -9.59 9.25
C CYS B 22 -9.47 -10.59 10.35
N THR B 23 -9.67 -11.86 10.04
CA THR B 23 -9.40 -12.90 11.01
C THR B 23 -7.97 -13.40 10.79
N VAL B 24 -7.08 -13.08 11.71
CA VAL B 24 -5.69 -13.48 11.60
C VAL B 24 -5.44 -14.78 12.35
N SER B 25 -4.37 -15.47 11.96
CA SER B 25 -4.00 -16.72 12.60
C SER B 25 -2.50 -16.91 12.51
N GLY B 26 -1.97 -17.78 13.35
CA GLY B 26 -0.56 -18.07 13.37
C GLY B 26 0.32 -17.03 14.04
N PHE B 27 -0.28 -16.06 14.71
CA PHE B 27 0.49 -15.04 15.41
C PHE B 27 -0.43 -14.24 16.34
N SER B 28 0.16 -13.51 17.28
CA SER B 28 -0.63 -12.72 18.22
C SER B 28 -0.67 -11.26 17.81
N LEU B 29 -1.87 -10.66 17.90
CA LEU B 29 -2.08 -9.27 17.50
C LEU B 29 -1.41 -8.26 18.43
N THR B 30 -0.82 -8.76 19.53
CA THR B 30 -0.13 -7.88 20.47
C THR B 30 1.33 -7.83 20.06
N ASP B 31 1.72 -8.73 19.16
CA ASP B 31 3.09 -8.83 18.68
C ASP B 31 3.31 -8.24 17.31
N TYR B 32 2.26 -8.19 16.50
CA TYR B 32 2.40 -7.65 15.17
C TYR B 32 1.35 -6.60 14.91
N GLY B 33 1.53 -5.88 13.81
CA GLY B 33 0.57 -4.88 13.43
C GLY B 33 -0.21 -5.49 12.30
N VAL B 34 -1.21 -4.77 11.78
CA VAL B 34 -2.01 -5.24 10.66
C VAL B 34 -2.36 -4.00 9.86
N ASP B 35 -2.06 -4.07 8.57
CA ASP B 35 -2.31 -2.99 7.65
C ASP B 35 -3.47 -3.33 6.74
N TRP B 36 -3.95 -2.32 6.03
CA TRP B 36 -5.03 -2.51 5.10
C TRP B 36 -4.51 -1.87 3.83
N VAL B 37 -4.62 -2.63 2.75
CA VAL B 37 -4.16 -2.17 1.46
C VAL B 37 -5.28 -2.54 0.54
N ARG B 38 -5.57 -1.66 -0.40
CA ARG B 38 -6.62 -1.93 -1.35
C ARG B 38 -6.04 -1.78 -2.76
N GLN B 39 -6.72 -2.40 -3.72
CA GLN B 39 -6.31 -2.33 -5.12
C GLN B 39 -7.51 -2.04 -6.00
N PRO B 40 -7.61 -0.81 -6.51
CA PRO B 40 -8.74 -0.47 -7.39
C PRO B 40 -8.64 -1.31 -8.66
N PRO B 41 -9.77 -1.78 -9.21
CA PRO B 41 -9.75 -2.60 -10.42
C PRO B 41 -8.84 -2.03 -11.51
N GLY B 42 -8.02 -2.91 -12.09
CA GLY B 42 -7.10 -2.50 -13.14
C GLY B 42 -6.06 -1.48 -12.68
N LYS B 43 -5.90 -1.33 -11.37
CA LYS B 43 -4.95 -0.37 -10.84
C LYS B 43 -3.95 -1.06 -9.91
N GLY B 44 -3.04 -0.27 -9.36
CA GLY B 44 -2.03 -0.80 -8.45
C GLY B 44 -2.50 -0.96 -7.02
N LEU B 45 -1.54 -1.02 -6.11
CA LEU B 45 -1.83 -1.19 -4.69
C LEU B 45 -1.83 0.15 -3.97
N GLU B 46 -2.66 0.26 -2.93
CA GLU B 46 -2.74 1.49 -2.14
C GLU B 46 -2.76 1.16 -0.66
N TRP B 47 -1.89 1.80 0.10
CA TRP B 47 -1.80 1.58 1.55
C TRP B 47 -2.80 2.49 2.28
N LEU B 48 -3.68 1.87 3.06
CA LEU B 48 -4.73 2.62 3.77
C LEU B 48 -4.35 3.07 5.17
N GLY B 49 -3.91 2.13 5.98
CA GLY B 49 -3.51 2.46 7.32
C GLY B 49 -3.17 1.17 8.03
N MET B 50 -2.80 1.25 9.30
CA MET B 50 -2.47 0.06 10.07
C MET B 50 -2.74 0.31 11.54
N ILE B 51 -2.73 -0.75 12.32
CA ILE B 51 -2.93 -0.66 13.76
C ILE B 51 -1.81 -1.42 14.48
N TRP B 52 -1.06 -0.71 15.32
CA TRP B 52 0.03 -1.31 16.05
C TRP B 52 -0.45 -2.32 17.08
N GLY B 53 0.50 -3.02 17.69
CA GLY B 53 0.18 -4.01 18.68
C GLY B 53 -0.53 -3.41 19.90
N ASP B 54 -0.20 -2.17 20.24
CA ASP B 54 -0.81 -1.49 21.38
C ASP B 54 -2.16 -0.86 21.06
N GLY B 55 -2.56 -0.84 19.79
CA GLY B 55 -3.83 -0.25 19.44
C GLY B 55 -3.75 1.09 18.76
N SER B 56 -2.60 1.77 18.85
CA SER B 56 -2.47 3.06 18.16
C SER B 56 -2.56 2.74 16.68
N THR B 57 -2.90 3.74 15.89
CA THR B 57 -3.05 3.53 14.47
C THR B 57 -2.37 4.62 13.70
N ASP B 58 -2.33 4.41 12.38
CA ASP B 58 -1.74 5.35 11.44
C ASP B 58 -2.66 5.21 10.25
N TYR B 59 -3.08 6.33 9.68
CA TYR B 59 -3.98 6.31 8.54
C TYR B 59 -3.41 7.11 7.40
N ASN B 60 -3.86 6.82 6.19
CA ASN B 60 -3.40 7.55 5.04
C ASN B 60 -4.23 8.83 5.05
N SER B 61 -3.55 9.97 5.15
CA SER B 61 -4.25 11.25 5.19
C SER B 61 -5.24 11.38 4.04
N ALA B 62 -4.93 10.74 2.92
CA ALA B 62 -5.80 10.83 1.75
C ALA B 62 -7.22 10.31 1.97
N LEU B 63 -7.40 9.44 2.95
CA LEU B 63 -8.73 8.89 3.22
C LEU B 63 -9.67 9.88 3.94
N LYS B 64 -9.24 11.12 4.08
CA LYS B 64 -10.02 12.17 4.73
C LYS B 64 -10.70 11.70 6.01
N SER B 65 -9.94 11.03 6.85
CA SER B 65 -10.44 10.55 8.14
C SER B 65 -11.66 9.64 8.07
N ARG B 66 -11.88 9.01 6.93
CA ARG B 66 -13.02 8.11 6.78
C ARG B 66 -12.71 6.72 7.29
N LEU B 67 -11.44 6.46 7.58
CA LEU B 67 -11.07 5.12 8.02
C LEU B 67 -10.86 4.94 9.50
N SER B 68 -11.23 3.77 9.97
CA SER B 68 -11.08 3.43 11.35
C SER B 68 -10.61 1.97 11.38
N ILE B 69 -9.54 1.71 12.12
CA ILE B 69 -9.05 0.35 12.23
C ILE B 69 -9.00 0.04 13.71
N THR B 70 -9.73 -0.98 14.12
CA THR B 70 -9.74 -1.39 15.52
C THR B 70 -9.54 -2.89 15.50
N LYS B 71 -9.39 -3.50 16.67
CA LYS B 71 -9.16 -4.92 16.70
C LYS B 71 -9.54 -5.51 18.04
N ASP B 72 -9.53 -6.84 18.11
CA ASP B 72 -9.84 -7.55 19.33
C ASP B 72 -8.78 -8.64 19.49
N ASN B 73 -7.76 -8.31 20.27
CA ASN B 73 -6.65 -9.21 20.51
C ASN B 73 -7.06 -10.63 20.83
N SER B 74 -8.03 -10.78 21.72
CA SER B 74 -8.48 -12.11 22.12
C SER B 74 -9.13 -12.90 20.99
N LYS B 75 -9.87 -12.20 20.12
CA LYS B 75 -10.55 -12.86 19.02
C LYS B 75 -9.74 -12.80 17.72
N SER B 76 -8.44 -12.50 17.86
CA SER B 76 -7.54 -12.39 16.72
C SER B 76 -8.23 -11.78 15.52
N GLN B 77 -8.87 -10.62 15.72
CA GLN B 77 -9.58 -10.00 14.62
C GLN B 77 -9.32 -8.52 14.57
N VAL B 78 -9.21 -7.99 13.36
CA VAL B 78 -8.96 -6.57 13.18
C VAL B 78 -10.10 -6.10 12.34
N PHE B 79 -10.73 -5.00 12.76
CA PHE B 79 -11.85 -4.48 12.02
C PHE B 79 -11.53 -3.20 11.32
N LEU B 80 -11.93 -3.13 10.06
CA LEU B 80 -11.75 -1.95 9.25
C LEU B 80 -13.14 -1.36 9.14
N LYS B 81 -13.23 -0.05 9.19
CA LYS B 81 -14.50 0.62 9.05
C LYS B 81 -14.26 1.89 8.25
N MET B 82 -15.00 2.03 7.15
CA MET B 82 -14.85 3.21 6.33
C MET B 82 -16.19 3.86 6.09
N ASN B 83 -16.24 5.17 6.32
CA ASN B 83 -17.46 5.95 6.14
C ASN B 83 -17.52 6.58 4.76
N SER B 84 -18.74 6.99 4.40
CA SER B 84 -19.01 7.67 3.13
C SER B 84 -18.32 7.10 1.91
N LEU B 85 -18.48 5.81 1.67
CA LEU B 85 -17.86 5.19 0.52
C LEU B 85 -18.44 5.74 -0.79
N GLN B 86 -17.55 6.02 -1.75
CA GLN B 86 -17.91 6.52 -3.09
C GLN B 86 -17.60 5.42 -4.10
N THR B 87 -18.04 5.58 -5.35
CA THR B 87 -17.80 4.56 -6.35
C THR B 87 -16.32 4.22 -6.49
N ASP B 88 -15.48 5.26 -6.50
CA ASP B 88 -14.04 5.05 -6.65
C ASP B 88 -13.38 4.42 -5.42
N ASP B 89 -14.18 3.89 -4.52
CA ASP B 89 -13.62 3.23 -3.35
C ASP B 89 -13.80 1.75 -3.63
N THR B 90 -14.29 1.46 -4.83
CA THR B 90 -14.47 0.09 -5.26
C THR B 90 -13.06 -0.44 -5.40
N ALA B 91 -12.80 -1.62 -4.82
CA ALA B 91 -11.47 -2.20 -4.89
C ALA B 91 -11.41 -3.49 -4.10
N ARG B 92 -10.29 -4.20 -4.20
CA ARG B 92 -10.14 -5.42 -3.44
C ARG B 92 -9.36 -4.93 -2.23
N TYR B 93 -9.83 -5.27 -1.04
CA TYR B 93 -9.21 -4.85 0.19
C TYR B 93 -8.51 -6.02 0.84
N TYR B 94 -7.23 -5.85 1.13
CA TYR B 94 -6.44 -6.89 1.76
C TYR B 94 -5.98 -6.40 3.11
N CYS B 95 -5.93 -7.30 4.09
CA CYS B 95 -5.40 -6.95 5.40
C CYS B 95 -4.06 -7.66 5.33
N VAL B 96 -3.01 -6.93 5.68
CA VAL B 96 -1.66 -7.44 5.62
C VAL B 96 -0.94 -7.29 6.95
N ARG B 97 -0.21 -8.31 7.37
CA ARG B 97 0.53 -8.20 8.62
C ARG B 97 1.79 -7.37 8.36
N ASP B 98 2.33 -6.81 9.43
CA ASP B 98 3.55 -6.04 9.33
C ASP B 98 4.13 -6.09 10.73
N PRO B 99 5.47 -6.19 10.85
CA PRO B 99 6.15 -6.28 12.14
C PRO B 99 5.83 -5.17 13.14
N ALA B 100 5.58 -3.96 12.66
CA ALA B 100 5.29 -2.82 13.53
C ALA B 100 6.32 -2.79 14.65
N ASP B 101 7.60 -2.91 14.27
CA ASP B 101 8.72 -2.92 15.20
C ASP B 101 9.54 -1.64 15.05
N TYR B 102 9.18 -0.60 15.77
CA TYR B 102 9.92 0.66 15.63
C TYR B 102 11.34 0.48 16.13
N GLY B 103 11.57 -0.60 16.89
CA GLY B 103 12.89 -0.87 17.43
C GLY B 103 13.88 -1.13 16.32
N ASN B 104 13.40 -1.73 15.23
CA ASN B 104 14.22 -2.05 14.07
C ASN B 104 13.70 -1.28 12.87
N TYR B 105 12.78 -0.36 13.08
CA TYR B 105 12.20 0.38 11.98
C TYR B 105 11.81 -0.65 10.91
N ASP B 106 11.22 -1.75 11.36
CA ASP B 106 10.79 -2.84 10.50
C ASP B 106 9.26 -2.85 10.30
N TYR B 107 8.80 -2.38 9.15
CA TYR B 107 7.36 -2.32 8.86
C TYR B 107 6.98 -2.98 7.54
N ALA B 108 7.65 -4.06 7.19
CA ALA B 108 7.35 -4.74 5.94
C ALA B 108 5.98 -5.37 5.97
N LEU B 109 5.33 -5.42 4.82
CA LEU B 109 4.02 -6.06 4.72
C LEU B 109 4.36 -7.50 4.36
N ASP B 110 4.83 -8.23 5.38
CA ASP B 110 5.28 -9.61 5.21
C ASP B 110 4.30 -10.72 4.88
N TYR B 111 3.06 -10.59 5.31
CA TYR B 111 2.09 -11.64 5.01
C TYR B 111 0.72 -11.07 4.71
N TRP B 112 0.29 -11.27 3.47
CA TRP B 112 -0.98 -10.77 2.97
C TRP B 112 -2.12 -11.77 3.01
N GLY B 113 -3.33 -11.23 2.85
CA GLY B 113 -4.51 -12.07 2.83
C GLY B 113 -4.99 -12.11 1.41
N GLN B 114 -5.84 -13.08 1.13
CA GLN B 114 -6.41 -13.26 -0.20
C GLN B 114 -7.09 -11.97 -0.67
N GLY B 115 -7.64 -11.22 0.28
CA GLY B 115 -8.32 -9.98 -0.07
C GLY B 115 -9.82 -10.19 -0.20
N THR B 116 -10.56 -9.10 -0.30
CA THR B 116 -12.01 -9.18 -0.47
C THR B 116 -12.40 -8.09 -1.42
N SER B 117 -13.24 -8.43 -2.39
CA SER B 117 -13.66 -7.43 -3.37
C SER B 117 -14.81 -6.59 -2.86
N VAL B 118 -14.75 -5.31 -3.15
CA VAL B 118 -15.79 -4.40 -2.71
C VAL B 118 -16.27 -3.53 -3.86
N THR B 119 -17.54 -3.70 -4.19
CA THR B 119 -18.12 -2.91 -5.25
C THR B 119 -19.05 -1.92 -4.59
N VAL B 120 -18.82 -0.64 -4.87
CA VAL B 120 -19.65 0.40 -4.28
C VAL B 120 -20.45 1.10 -5.37
N SER B 121 -21.74 0.79 -5.41
CA SER B 121 -22.65 1.40 -6.38
C SER B 121 -24.10 1.27 -5.90
N SER B 122 -24.97 2.11 -6.45
CA SER B 122 -26.38 2.09 -6.10
C SER B 122 -27.17 1.10 -6.96
N ALA B 123 -26.47 0.43 -7.87
CA ALA B 123 -27.12 -0.54 -8.75
C ALA B 123 -27.70 -1.71 -7.94
N LYS B 124 -28.67 -2.38 -8.54
CA LYS B 124 -29.33 -3.49 -7.87
C LYS B 124 -29.15 -4.80 -8.63
N THR B 125 -29.15 -5.90 -7.87
CA THR B 125 -28.97 -7.22 -8.45
C THR B 125 -29.79 -7.47 -9.71
N THR B 126 -29.16 -7.26 -10.86
CA THR B 126 -29.79 -7.48 -12.16
C THR B 126 -29.20 -8.74 -12.80
N PRO B 127 -30.05 -9.65 -13.29
CA PRO B 127 -29.49 -10.86 -13.92
C PRO B 127 -29.01 -10.46 -15.32
N PRO B 128 -28.08 -11.23 -15.91
CA PRO B 128 -27.57 -10.91 -17.24
C PRO B 128 -28.44 -11.33 -18.42
N SER B 129 -28.42 -10.53 -19.48
CA SER B 129 -29.17 -10.84 -20.70
C SER B 129 -28.16 -11.53 -21.64
N VAL B 130 -28.27 -12.85 -21.78
CA VAL B 130 -27.34 -13.61 -22.64
C VAL B 130 -27.77 -13.72 -24.11
N TYR B 131 -26.90 -13.28 -25.01
CA TYR B 131 -27.21 -13.35 -26.44
C TYR B 131 -26.19 -14.18 -27.20
N PRO B 132 -26.64 -15.17 -27.98
CA PRO B 132 -25.72 -16.02 -28.75
C PRO B 132 -25.23 -15.27 -29.98
N LEU B 133 -23.95 -15.40 -30.27
CA LEU B 133 -23.35 -14.72 -31.41
C LEU B 133 -22.93 -15.69 -32.51
N ALA B 134 -23.76 -15.78 -33.55
CA ALA B 134 -23.47 -16.65 -34.68
C ALA B 134 -22.89 -15.82 -35.81
N PRO B 135 -21.82 -16.33 -36.45
CA PRO B 135 -21.06 -15.75 -37.55
C PRO B 135 -21.77 -14.87 -38.57
N GLY B 136 -21.00 -13.96 -39.14
CA GLY B 136 -21.49 -13.09 -40.19
C GLY B 136 -21.06 -13.72 -41.52
N ASN B 142 -13.61 -20.86 -42.86
CA ASN B 142 -12.32 -21.61 -42.72
C ASN B 142 -12.57 -22.92 -41.97
N SER B 143 -11.48 -23.66 -41.69
CA SER B 143 -11.55 -24.94 -41.00
C SER B 143 -11.98 -24.81 -39.54
N MET B 144 -11.88 -23.60 -39.02
CA MET B 144 -12.27 -23.31 -37.65
C MET B 144 -13.35 -22.22 -37.68
N VAL B 145 -14.30 -22.32 -36.75
CA VAL B 145 -15.36 -21.33 -36.65
C VAL B 145 -15.33 -20.75 -35.24
N THR B 146 -15.60 -19.45 -35.12
CA THR B 146 -15.61 -18.77 -33.84
C THR B 146 -17.03 -18.33 -33.47
N LEU B 147 -17.53 -18.82 -32.34
CA LEU B 147 -18.87 -18.47 -31.85
C LEU B 147 -18.68 -17.59 -30.62
N GLY B 148 -19.76 -16.95 -30.16
CA GLY B 148 -19.65 -16.11 -29.00
C GLY B 148 -20.93 -16.04 -28.19
N CYS B 149 -20.84 -15.37 -27.05
CA CYS B 149 -21.97 -15.16 -26.17
C CYS B 149 -21.82 -13.78 -25.54
N LEU B 150 -22.77 -12.91 -25.82
CA LEU B 150 -22.77 -11.56 -25.29
C LEU B 150 -23.57 -11.60 -24.00
N VAL B 151 -22.90 -11.35 -22.88
CA VAL B 151 -23.53 -11.33 -21.56
C VAL B 151 -23.63 -9.86 -21.19
N LYS B 152 -24.83 -9.31 -21.38
CA LYS B 152 -25.09 -7.90 -21.15
C LYS B 152 -25.95 -7.52 -19.95
N GLY B 153 -25.81 -6.26 -19.55
CA GLY B 153 -26.56 -5.68 -18.45
C GLY B 153 -26.74 -6.41 -17.12
N TYR B 154 -25.67 -6.92 -16.52
CA TYR B 154 -25.84 -7.58 -15.24
C TYR B 154 -25.13 -6.83 -14.11
N PHE B 155 -25.39 -7.26 -12.88
CA PHE B 155 -24.81 -6.66 -11.69
C PHE B 155 -25.30 -7.47 -10.51
N PRO B 156 -24.44 -7.74 -9.54
CA PRO B 156 -23.04 -7.30 -9.53
C PRO B 156 -22.16 -8.33 -10.22
N GLU B 157 -20.86 -8.26 -9.97
CA GLU B 157 -19.94 -9.23 -10.55
C GLU B 157 -19.91 -10.35 -9.53
N PRO B 158 -19.51 -11.56 -9.95
CA PRO B 158 -19.09 -12.00 -11.28
C PRO B 158 -20.07 -13.00 -11.91
N VAL B 159 -19.78 -13.42 -13.13
CA VAL B 159 -20.60 -14.41 -13.80
C VAL B 159 -19.69 -15.59 -14.11
N THR B 160 -20.28 -16.71 -14.52
CA THR B 160 -19.51 -17.87 -14.86
C THR B 160 -19.98 -18.36 -16.21
N VAL B 161 -19.14 -18.09 -17.21
CA VAL B 161 -19.42 -18.48 -18.59
C VAL B 161 -18.65 -19.73 -18.97
N THR B 162 -19.37 -20.78 -19.35
CA THR B 162 -18.73 -22.00 -19.81
C THR B 162 -19.37 -22.33 -21.15
N TRP B 163 -18.78 -23.27 -21.87
CA TRP B 163 -19.32 -23.66 -23.16
C TRP B 163 -19.52 -25.16 -23.16
N ASN B 164 -20.72 -25.59 -23.53
CA ASN B 164 -21.00 -27.01 -23.53
C ASN B 164 -20.65 -27.55 -22.14
N SER B 165 -21.20 -26.90 -21.12
CA SER B 165 -20.97 -27.29 -19.72
C SER B 165 -19.54 -27.70 -19.42
N GLY B 166 -18.58 -26.92 -19.92
CA GLY B 166 -17.19 -27.20 -19.64
C GLY B 166 -16.46 -28.08 -20.63
N SER B 167 -17.20 -28.78 -21.48
CA SER B 167 -16.58 -29.66 -22.48
C SER B 167 -15.67 -28.88 -23.40
N LEU B 168 -16.04 -27.65 -23.69
CA LEU B 168 -15.26 -26.79 -24.56
C LEU B 168 -14.47 -25.78 -23.73
N SER B 169 -13.13 -25.85 -23.77
CA SER B 169 -12.34 -24.91 -23.01
C SER B 169 -11.10 -24.39 -23.73
N SER B 170 -10.33 -25.29 -24.35
CA SER B 170 -9.10 -24.89 -25.05
C SER B 170 -9.26 -23.74 -26.05
N GLY B 171 -10.44 -23.61 -26.65
CA GLY B 171 -10.63 -22.53 -27.60
C GLY B 171 -11.53 -21.42 -27.07
N VAL B 172 -11.62 -21.30 -25.75
CA VAL B 172 -12.48 -20.30 -25.11
C VAL B 172 -11.79 -19.04 -24.55
N HIS B 173 -12.32 -17.88 -24.90
CA HIS B 173 -11.78 -16.61 -24.40
C HIS B 173 -12.93 -15.86 -23.73
N THR B 174 -12.88 -15.67 -22.42
CA THR B 174 -13.91 -14.89 -21.74
C THR B 174 -13.27 -13.57 -21.40
N PHE B 175 -13.81 -12.47 -21.93
CA PHE B 175 -13.20 -11.17 -21.68
C PHE B 175 -13.64 -10.52 -20.39
N PRO B 176 -12.77 -9.68 -19.79
CA PRO B 176 -13.10 -8.99 -18.55
C PRO B 176 -14.37 -8.16 -18.71
N ALA B 177 -15.15 -8.06 -17.64
CA ALA B 177 -16.36 -7.28 -17.70
C ALA B 177 -16.04 -5.79 -17.66
N VAL B 178 -16.82 -4.99 -18.38
CA VAL B 178 -16.65 -3.55 -18.39
C VAL B 178 -18.02 -2.99 -17.98
N LEU B 179 -18.04 -1.75 -17.50
CA LEU B 179 -19.30 -1.13 -17.09
C LEU B 179 -19.96 -0.41 -18.27
N GLN B 180 -21.09 -0.96 -18.73
CA GLN B 180 -21.84 -0.39 -19.85
C GLN B 180 -22.64 0.80 -19.36
N SER B 181 -23.15 0.67 -18.14
CA SER B 181 -23.94 1.72 -17.52
C SER B 181 -24.28 1.25 -16.12
N ASP B 182 -23.31 1.31 -15.24
CA ASP B 182 -23.49 0.87 -13.87
C ASP B 182 -23.97 -0.58 -13.80
N LEU B 183 -23.91 -1.23 -14.97
CA LEU B 183 -24.28 -2.62 -15.13
C LEU B 183 -23.13 -3.16 -15.97
N TYR B 184 -22.71 -4.39 -15.68
CA TYR B 184 -21.59 -5.03 -16.38
C TYR B 184 -21.94 -5.79 -17.64
N THR B 185 -20.98 -5.79 -18.56
CA THR B 185 -21.13 -6.49 -19.84
C THR B 185 -19.78 -7.14 -20.19
N LEU B 186 -19.83 -8.43 -20.50
CA LEU B 186 -18.63 -9.15 -20.89
C LEU B 186 -18.99 -10.05 -22.06
N SER B 187 -17.98 -10.58 -22.73
CA SER B 187 -18.23 -11.46 -23.86
C SER B 187 -17.35 -12.67 -23.74
N SER B 188 -17.78 -13.77 -24.34
CA SER B 188 -17.00 -15.00 -24.31
C SER B 188 -16.98 -15.52 -25.74
N SER B 189 -15.81 -15.97 -26.19
CA SER B 189 -15.69 -16.50 -27.54
C SER B 189 -15.15 -17.93 -27.47
N VAL B 190 -15.57 -18.76 -28.41
CA VAL B 190 -15.08 -20.13 -28.45
C VAL B 190 -14.85 -20.43 -29.92
N THR B 191 -13.71 -21.06 -30.21
CA THR B 191 -13.37 -21.41 -31.58
C THR B 191 -13.32 -22.93 -31.62
N VAL B 192 -13.99 -23.51 -32.62
CA VAL B 192 -14.03 -24.94 -32.76
C VAL B 192 -13.93 -25.32 -34.22
N PRO B 193 -13.56 -26.58 -34.50
CA PRO B 193 -13.45 -27.05 -35.88
C PRO B 193 -14.80 -26.92 -36.55
N SER B 194 -14.79 -26.49 -37.81
CA SER B 194 -16.02 -26.30 -38.55
C SER B 194 -16.84 -27.57 -38.67
N SER B 195 -16.18 -28.70 -38.56
CA SER B 195 -16.89 -29.97 -38.66
C SER B 195 -17.81 -30.20 -37.47
N THR B 196 -17.64 -29.40 -36.42
CA THR B 196 -18.44 -29.54 -35.20
C THR B 196 -19.61 -28.57 -35.05
N TRP B 197 -19.62 -27.49 -35.84
CA TRP B 197 -20.73 -26.55 -35.77
C TRP B 197 -21.01 -25.98 -37.17
N PRO B 198 -22.30 -25.89 -37.57
CA PRO B 198 -23.55 -26.25 -36.87
C PRO B 198 -23.95 -27.72 -36.76
N SER B 199 -23.22 -28.62 -37.39
CA SER B 199 -23.60 -30.02 -37.32
C SER B 199 -23.88 -30.47 -35.88
N GLU B 200 -23.03 -30.06 -34.95
CA GLU B 200 -23.19 -30.41 -33.54
C GLU B 200 -23.47 -29.17 -32.70
N THR B 201 -24.08 -29.34 -31.53
CA THR B 201 -24.45 -28.22 -30.67
C THR B 201 -23.32 -27.58 -29.88
N VAL B 202 -23.30 -26.25 -29.93
CA VAL B 202 -22.33 -25.45 -29.20
C VAL B 202 -23.20 -24.54 -28.36
N THR B 203 -23.10 -24.68 -27.05
CA THR B 203 -23.92 -23.87 -26.16
C THR B 203 -23.10 -23.16 -25.10
N CYS B 204 -23.48 -21.94 -24.78
CA CYS B 204 -22.76 -21.22 -23.75
C CYS B 204 -23.65 -21.14 -22.51
N ASN B 205 -23.03 -21.37 -21.35
CA ASN B 205 -23.74 -21.34 -20.08
C ASN B 205 -23.26 -20.19 -19.20
N VAL B 206 -24.18 -19.29 -18.85
CA VAL B 206 -23.83 -18.13 -18.03
C VAL B 206 -24.51 -18.16 -16.66
N ALA B 207 -23.71 -18.31 -15.60
CA ALA B 207 -24.26 -18.32 -14.24
C ALA B 207 -23.99 -16.99 -13.55
N HIS B 208 -24.97 -16.54 -12.77
CA HIS B 208 -24.87 -15.30 -12.02
C HIS B 208 -25.38 -15.59 -10.61
N PRO B 209 -24.48 -16.03 -9.72
CA PRO B 209 -24.86 -16.35 -8.34
C PRO B 209 -25.80 -15.30 -7.73
N ALA B 210 -25.37 -14.05 -7.79
CA ALA B 210 -26.10 -12.92 -7.24
C ALA B 210 -27.57 -12.87 -7.61
N SER B 211 -27.96 -13.60 -8.66
CA SER B 211 -29.35 -13.61 -9.09
C SER B 211 -29.90 -15.02 -9.03
N SER B 212 -29.06 -15.98 -8.66
CA SER B 212 -29.49 -17.37 -8.59
C SER B 212 -29.96 -17.78 -10.00
N THR B 213 -29.42 -17.11 -11.02
CA THR B 213 -29.79 -17.39 -12.40
C THR B 213 -28.70 -18.21 -13.12
N LYS B 214 -29.11 -19.02 -14.09
CA LYS B 214 -28.21 -19.85 -14.86
C LYS B 214 -28.85 -20.04 -16.23
N VAL B 215 -28.31 -19.35 -17.23
CA VAL B 215 -28.85 -19.42 -18.57
C VAL B 215 -28.01 -20.24 -19.54
N ASP B 216 -28.70 -20.89 -20.48
CA ASP B 216 -28.04 -21.68 -21.50
C ASP B 216 -28.48 -21.08 -22.83
N LYS B 217 -27.51 -20.72 -23.65
CA LYS B 217 -27.80 -20.12 -24.94
C LYS B 217 -27.05 -20.86 -26.04
N LYS B 218 -27.78 -21.72 -26.75
CA LYS B 218 -27.24 -22.51 -27.85
C LYS B 218 -27.00 -21.59 -29.06
N ILE B 219 -25.86 -21.73 -29.71
CA ILE B 219 -25.53 -20.89 -30.87
C ILE B 219 -26.14 -21.53 -32.10
N VAL B 220 -27.05 -20.81 -32.73
CA VAL B 220 -27.73 -21.29 -33.90
C VAL B 220 -27.42 -20.42 -35.10
N PRO B 221 -27.27 -21.04 -36.29
CA PRO B 221 -26.98 -20.21 -37.47
C PRO B 221 -28.10 -19.19 -37.62
N ARG B 222 -27.78 -18.04 -38.20
CA ARG B 222 -28.76 -16.97 -38.40
C ARG B 222 -30.03 -17.36 -39.19
N ASP B 223 -31.14 -16.73 -38.82
CA ASP B 223 -32.46 -16.99 -39.41
C ASP B 223 -32.80 -16.03 -40.56
N MET C 1 31.15 16.75 43.40
CA MET C 1 30.65 18.09 43.78
C MET C 1 30.07 18.95 42.64
N TYR C 2 30.95 19.65 41.92
CA TYR C 2 30.54 20.63 40.90
C TYR C 2 31.21 20.54 39.51
N CYS C 3 30.50 20.98 38.46
CA CYS C 3 30.99 20.88 37.07
C CYS C 3 31.35 22.15 36.33
N SER C 4 32.64 22.31 36.08
CA SER C 4 33.18 23.45 35.35
C SER C 4 33.82 22.93 34.07
N ARG C 5 33.01 22.66 33.05
CA ARG C 5 33.55 22.16 31.80
C ARG C 5 32.71 22.68 30.66
N LEU C 6 33.10 22.33 29.44
CA LEU C 6 32.34 22.77 28.28
C LEU C 6 31.25 21.77 27.99
N LEU C 7 30.02 22.18 28.24
CA LEU C 7 28.88 21.31 28.04
C LEU C 7 27.63 22.07 27.73
N ASP C 8 26.77 21.46 26.92
CA ASP C 8 25.47 22.03 26.54
C ASP C 8 24.49 20.99 27.02
N LEU C 9 23.89 21.22 28.19
CA LEU C 9 22.95 20.27 28.77
C LEU C 9 21.50 20.67 28.58
N VAL C 10 20.73 19.76 27.97
CA VAL C 10 19.31 19.99 27.71
C VAL C 10 18.45 19.12 28.63
N PHE C 11 17.73 19.76 29.56
CA PHE C 11 16.84 19.03 30.48
C PHE C 11 15.50 18.85 29.79
N LEU C 12 15.09 17.60 29.60
CA LEU C 12 13.83 17.28 28.94
C LEU C 12 12.91 16.63 29.97
N LEU C 13 11.89 17.36 30.39
CA LEU C 13 10.97 16.90 31.42
C LEU C 13 9.66 16.29 30.98
N ASP C 14 9.43 15.06 31.42
CA ASP C 14 8.21 14.34 31.10
C ASP C 14 7.05 15.19 31.59
N GLY C 15 6.16 15.58 30.69
CA GLY C 15 5.02 16.41 31.07
C GLY C 15 3.71 15.64 31.01
N SER C 16 3.71 14.40 31.47
CA SER C 16 2.52 13.57 31.46
C SER C 16 1.92 13.37 32.84
N SER C 17 0.63 13.03 32.86
CA SER C 17 -0.07 12.80 34.11
C SER C 17 0.56 11.64 34.87
N ARG C 18 1.53 10.96 34.25
CA ARG C 18 2.20 9.83 34.90
C ARG C 18 2.97 10.34 36.12
N LEU C 19 3.22 11.65 36.14
CA LEU C 19 3.91 12.30 37.25
C LEU C 19 2.86 13.23 37.87
N SER C 20 2.59 13.05 39.15
CA SER C 20 1.63 13.89 39.84
C SER C 20 2.16 15.30 39.88
N GLU C 21 1.31 16.24 40.26
CA GLU C 21 1.74 17.62 40.32
C GLU C 21 2.89 17.72 41.30
N ALA C 22 2.76 17.00 42.41
CA ALA C 22 3.77 16.99 43.46
C ALA C 22 5.05 16.30 43.01
N GLU C 23 4.91 15.22 42.25
CA GLU C 23 6.05 14.46 41.73
C GLU C 23 6.83 15.28 40.70
N PHE C 24 6.11 16.09 39.93
CA PHE C 24 6.72 16.96 38.94
C PHE C 24 7.49 18.08 39.65
N GLU C 25 7.10 18.38 40.88
CA GLU C 25 7.80 19.41 41.64
C GLU C 25 9.13 18.84 42.10
N VAL C 26 9.12 17.54 42.41
CA VAL C 26 10.32 16.85 42.85
C VAL C 26 11.28 16.79 41.67
N LEU C 27 10.73 16.55 40.49
CA LEU C 27 11.53 16.50 39.27
C LEU C 27 12.15 17.87 39.05
N LYS C 28 11.33 18.91 39.00
CA LYS C 28 11.83 20.26 38.79
C LYS C 28 12.91 20.62 39.81
N ALA C 29 12.77 20.09 41.03
CA ALA C 29 13.71 20.36 42.11
C ALA C 29 15.06 19.76 41.76
N PHE C 30 15.03 18.50 41.35
CA PHE C 30 16.22 17.78 40.96
C PHE C 30 16.93 18.57 39.85
N VAL C 31 16.16 19.07 38.90
CA VAL C 31 16.71 19.86 37.81
C VAL C 31 17.41 21.12 38.35
N VAL C 32 16.82 21.74 39.36
CA VAL C 32 17.43 22.95 39.91
C VAL C 32 18.63 22.61 40.77
N ASP C 33 18.59 21.45 41.41
CA ASP C 33 19.72 21.00 42.23
C ASP C 33 20.88 20.74 41.29
N MET C 34 20.55 20.30 40.10
CA MET C 34 21.54 20.03 39.07
C MET C 34 22.18 21.34 38.64
N MET C 35 21.35 22.30 38.23
CA MET C 35 21.86 23.59 37.78
C MET C 35 22.74 24.20 38.86
N GLU C 36 22.48 23.87 40.11
CA GLU C 36 23.27 24.40 41.22
C GLU C 36 24.66 23.76 41.25
N ARG C 37 24.76 22.56 40.70
CA ARG C 37 26.03 21.86 40.66
C ARG C 37 26.69 21.94 39.29
N LEU C 38 26.28 22.91 38.48
CA LEU C 38 26.84 23.09 37.16
C LEU C 38 27.31 24.52 37.07
N ARG C 39 28.37 24.77 36.31
CA ARG C 39 28.87 26.13 36.17
C ARG C 39 28.13 26.78 35.01
N ILE C 40 26.87 27.15 35.23
CA ILE C 40 26.07 27.75 34.19
C ILE C 40 26.67 29.03 33.63
N SER C 41 27.10 28.97 32.37
CA SER C 41 27.69 30.10 31.66
C SER C 41 27.83 29.76 30.18
N GLN C 42 27.81 30.78 29.33
CA GLN C 42 27.93 30.56 27.89
C GLN C 42 29.32 30.05 27.53
N LYS C 43 30.23 30.13 28.50
CA LYS C 43 31.60 29.70 28.30
C LYS C 43 31.90 28.38 28.98
N TRP C 44 30.94 27.89 29.75
CA TRP C 44 31.10 26.62 30.46
C TRP C 44 29.91 25.70 30.21
N VAL C 45 29.05 25.53 31.21
CA VAL C 45 27.89 24.68 31.05
C VAL C 45 26.65 25.50 30.68
N ARG C 46 26.14 25.31 29.46
CA ARG C 46 24.94 26.02 29.03
C ARG C 46 23.80 25.06 29.33
N VAL C 47 22.62 25.59 29.63
CA VAL C 47 21.47 24.76 29.94
C VAL C 47 20.21 25.20 29.23
N ALA C 48 19.35 24.23 28.94
CA ALA C 48 18.09 24.49 28.29
C ALA C 48 17.10 23.61 29.04
N VAL C 49 15.90 24.11 29.23
CA VAL C 49 14.90 23.34 29.96
C VAL C 49 13.68 23.31 29.10
N VAL C 50 13.15 22.10 28.91
CA VAL C 50 11.98 21.87 28.06
C VAL C 50 11.07 20.85 28.73
N GLU C 51 9.77 21.13 28.74
CA GLU C 51 8.81 20.19 29.30
C GLU C 51 8.10 19.59 28.08
N TYR C 52 7.92 18.28 28.06
CA TYR C 52 7.31 17.67 26.90
C TYR C 52 6.07 16.81 27.10
N HIS C 53 5.06 17.08 26.26
CA HIS C 53 3.80 16.35 26.26
C HIS C 53 3.65 15.91 24.81
N ASP C 54 2.63 16.42 24.12
CA ASP C 54 2.43 16.11 22.72
C ASP C 54 3.41 16.98 21.95
N GLY C 55 3.72 18.13 22.54
CA GLY C 55 4.64 19.09 21.97
C GLY C 55 5.67 19.46 23.02
N SER C 56 6.50 20.45 22.75
CA SER C 56 7.54 20.85 23.69
C SER C 56 7.39 22.31 24.16
N HIS C 57 7.59 22.52 25.45
CA HIS C 57 7.52 23.86 26.02
C HIS C 57 8.93 24.25 26.45
N ALA C 58 9.57 25.09 25.64
CA ALA C 58 10.93 25.52 25.92
C ALA C 58 10.99 26.69 26.88
N TYR C 59 11.35 26.39 28.12
CA TYR C 59 11.45 27.43 29.12
C TYR C 59 12.84 28.09 29.13
N ILE C 60 13.88 27.32 28.84
CA ILE C 60 15.24 27.88 28.81
C ILE C 60 15.96 27.38 27.57
N GLY C 61 16.65 28.30 26.89
CA GLY C 61 17.38 27.97 25.69
C GLY C 61 18.86 28.10 25.96
N LEU C 62 19.67 27.27 25.33
CA LEU C 62 21.12 27.28 25.55
C LEU C 62 21.72 28.64 25.31
N LYS C 63 21.09 29.44 24.46
CA LYS C 63 21.60 30.79 24.16
C LYS C 63 21.00 31.85 25.09
N ASP C 64 20.05 31.47 25.93
CA ASP C 64 19.40 32.41 26.84
C ASP C 64 20.43 33.07 27.75
N ARG C 65 20.55 34.38 27.62
CA ARG C 65 21.50 35.13 28.45
C ARG C 65 20.77 35.72 29.65
N LYS C 66 20.69 34.91 30.70
CA LYS C 66 20.05 35.29 31.94
C LYS C 66 20.93 34.80 33.05
N ARG C 67 20.92 35.49 34.19
CA ARG C 67 21.76 35.08 35.30
C ARG C 67 21.37 33.67 35.73
N PRO C 68 22.34 32.82 36.08
CA PRO C 68 22.06 31.44 36.53
C PRO C 68 20.90 31.42 37.52
N SER C 69 20.97 32.32 38.50
CA SER C 69 19.94 32.42 39.52
C SER C 69 18.58 32.57 38.82
N GLU C 70 18.53 33.44 37.82
CA GLU C 70 17.30 33.65 37.03
C GLU C 70 16.87 32.33 36.40
N LEU C 71 17.82 31.63 35.78
CA LEU C 71 17.54 30.37 35.12
C LEU C 71 17.04 29.29 36.08
N ARG C 72 17.64 29.23 37.26
CA ARG C 72 17.21 28.23 38.24
C ARG C 72 15.77 28.55 38.67
N ARG C 73 15.44 29.83 38.74
CA ARG C 73 14.10 30.27 39.13
C ARG C 73 13.12 29.83 38.06
N ILE C 74 13.39 30.24 36.82
CA ILE C 74 12.54 29.87 35.70
C ILE C 74 12.27 28.38 35.75
N ALA C 75 13.32 27.61 35.99
CA ALA C 75 13.21 26.16 36.08
C ALA C 75 12.19 25.77 37.15
N SER C 76 12.32 26.36 38.33
CA SER C 76 11.41 26.07 39.44
C SER C 76 9.98 26.50 39.14
N GLN C 77 9.84 27.40 38.17
CA GLN C 77 8.54 27.91 37.77
C GLN C 77 8.01 27.24 36.51
N VAL C 78 8.45 26.01 36.25
CA VAL C 78 7.97 25.29 35.07
C VAL C 78 6.58 24.73 35.36
N LYS C 79 5.61 25.16 34.56
CA LYS C 79 4.22 24.73 34.74
C LYS C 79 4.03 23.23 34.56
N TYR C 80 3.26 22.66 35.45
CA TYR C 80 2.97 21.24 35.41
C TYR C 80 1.98 21.05 34.28
N ALA C 81 2.22 20.03 33.47
CA ALA C 81 1.33 19.70 32.35
C ALA C 81 1.05 18.22 32.54
N GLY C 82 -0.16 17.88 32.93
CA GLY C 82 -0.49 16.48 33.14
C GLY C 82 -1.13 15.86 31.94
N SER C 83 -0.50 16.01 30.78
CA SER C 83 -1.03 15.46 29.54
C SER C 83 -1.07 13.93 29.61
N GLN C 84 -1.96 13.33 28.81
CA GLN C 84 -2.06 11.87 28.79
C GLN C 84 -0.84 11.25 28.11
N VAL C 85 -0.14 12.05 27.30
CA VAL C 85 1.03 11.56 26.58
C VAL C 85 2.19 12.55 26.53
N ALA C 86 3.38 12.04 26.81
CA ALA C 86 4.61 12.81 26.73
C ALA C 86 5.41 12.03 25.68
N SER C 87 5.49 12.60 24.47
CA SER C 87 6.18 11.98 23.34
C SER C 87 7.70 12.13 23.39
N THR C 88 8.41 11.04 23.68
CA THR C 88 9.87 11.09 23.74
C THR C 88 10.38 11.32 22.32
N SER C 89 9.78 10.64 21.35
CA SER C 89 10.18 10.79 19.95
C SER C 89 10.09 12.25 19.52
N GLU C 90 8.99 12.89 19.87
CA GLU C 90 8.79 14.29 19.53
C GLU C 90 9.82 15.22 20.18
N VAL C 91 10.25 14.90 21.40
CA VAL C 91 11.23 15.77 22.08
C VAL C 91 12.60 15.61 21.49
N LEU C 92 12.95 14.38 21.16
CA LEU C 92 14.25 14.10 20.57
C LEU C 92 14.25 14.76 19.20
N LYS C 93 13.15 14.64 18.48
CA LYS C 93 13.01 15.25 17.17
C LYS C 93 13.13 16.76 17.31
N TYR C 94 12.49 17.31 18.35
CA TYR C 94 12.53 18.74 18.62
C TYR C 94 13.95 19.15 19.02
N THR C 95 14.62 18.28 19.78
CA THR C 95 15.98 18.52 20.25
C THR C 95 16.92 18.53 19.04
N LEU C 96 16.68 17.58 18.15
CA LEU C 96 17.47 17.41 16.94
C LEU C 96 17.31 18.53 15.91
N PHE C 97 16.07 18.79 15.52
CA PHE C 97 15.81 19.81 14.51
C PHE C 97 15.72 21.24 15.01
N GLN C 98 15.45 21.40 16.29
CA GLN C 98 15.33 22.74 16.84
C GLN C 98 16.51 23.17 17.68
N ILE C 99 16.69 22.51 18.81
CA ILE C 99 17.77 22.87 19.69
C ILE C 99 19.13 22.78 19.01
N PHE C 100 19.43 21.62 18.43
CA PHE C 100 20.72 21.43 17.79
C PHE C 100 20.66 21.48 16.28
N SER C 101 19.81 22.35 15.75
CA SER C 101 19.66 22.51 14.31
C SER C 101 21.04 22.81 13.75
N LYS C 102 21.78 23.60 14.51
CA LYS C 102 23.14 23.99 14.16
C LYS C 102 23.98 23.83 15.41
N ILE C 103 25.24 23.42 15.26
CA ILE C 103 26.11 23.25 16.41
C ILE C 103 27.06 24.46 16.49
N ASP C 104 26.59 25.51 17.14
CA ASP C 104 27.35 26.75 17.31
C ASP C 104 28.52 26.59 18.28
N ARG C 105 28.46 25.55 19.09
CA ARG C 105 29.51 25.34 20.09
C ARG C 105 30.11 23.96 20.01
N PRO C 106 30.89 23.67 18.96
CA PRO C 106 31.54 22.37 18.75
C PRO C 106 32.49 21.98 19.87
N GLU C 107 33.04 22.99 20.54
CA GLU C 107 33.97 22.79 21.64
C GLU C 107 33.30 22.24 22.88
N ALA C 108 31.98 22.06 22.81
CA ALA C 108 31.22 21.54 23.94
C ALA C 108 30.56 20.22 23.64
N SER C 109 30.50 19.33 24.62
CA SER C 109 29.79 18.08 24.41
C SER C 109 28.34 18.51 24.44
N ARG C 110 27.45 17.62 24.01
CA ARG C 110 26.02 17.91 24.00
C ARG C 110 25.36 16.71 24.65
N ILE C 111 24.53 16.95 25.66
CA ILE C 111 23.85 15.86 26.32
C ILE C 111 22.39 16.21 26.42
N ALA C 112 21.55 15.23 26.12
CA ALA C 112 20.12 15.40 26.21
C ALA C 112 19.74 14.50 27.37
N LEU C 113 19.36 15.12 28.49
CA LEU C 113 18.97 14.36 29.66
C LEU C 113 17.50 14.15 29.46
N LEU C 114 17.10 12.92 29.13
CA LEU C 114 15.71 12.60 28.88
C LEU C 114 15.10 12.01 30.14
N LEU C 115 14.44 12.87 30.89
CA LEU C 115 13.78 12.49 32.13
C LEU C 115 12.41 12.00 31.73
N MET C 116 12.22 10.68 31.79
CA MET C 116 10.97 10.10 31.35
C MET C 116 10.31 9.25 32.41
N ALA C 117 8.98 9.32 32.45
CA ALA C 117 8.17 8.60 33.42
C ALA C 117 6.99 7.91 32.75
N SER C 118 6.88 8.10 31.44
CA SER C 118 5.78 7.52 30.70
C SER C 118 6.23 6.69 29.50
N GLN C 119 5.25 6.29 28.69
CA GLN C 119 5.47 5.48 27.51
C GLN C 119 4.48 5.88 26.44
N GLU C 120 4.96 6.56 25.40
CA GLU C 120 4.11 7.03 24.32
C GLU C 120 3.50 5.90 23.51
N PRO C 121 2.41 6.20 22.79
CA PRO C 121 1.73 5.20 21.95
C PRO C 121 2.69 4.82 20.82
N GLN C 122 2.75 3.52 20.49
CA GLN C 122 3.64 3.05 19.45
C GLN C 122 3.63 3.85 18.16
N ARG C 123 2.46 4.28 17.71
CA ARG C 123 2.41 5.05 16.48
C ARG C 123 3.31 6.28 16.54
N MET C 124 3.55 6.77 17.76
CA MET C 124 4.38 7.95 17.95
C MET C 124 5.87 7.61 17.98
N SER C 125 6.17 6.32 18.13
CA SER C 125 7.55 5.82 18.18
C SER C 125 8.12 5.41 16.82
N ARG C 126 7.30 5.49 15.78
CA ARG C 126 7.70 5.10 14.43
C ARG C 126 9.10 5.51 13.99
N ASN C 127 9.48 6.76 14.25
CA ASN C 127 10.80 7.22 13.87
C ASN C 127 11.72 7.37 15.07
N PHE C 128 11.33 6.76 16.18
CA PHE C 128 12.15 6.87 17.38
C PHE C 128 13.64 6.67 17.15
N VAL C 129 14.02 5.48 16.71
CA VAL C 129 15.41 5.15 16.49
C VAL C 129 16.09 6.10 15.51
N ARG C 130 15.34 6.54 14.50
CA ARG C 130 15.90 7.45 13.53
C ARG C 130 16.25 8.79 14.16
N TYR C 131 15.47 9.20 15.15
CA TYR C 131 15.75 10.47 15.82
C TYR C 131 16.96 10.34 16.74
N VAL C 132 17.08 9.19 17.39
CA VAL C 132 18.20 8.98 18.29
C VAL C 132 19.48 8.88 17.44
N GLN C 133 19.37 8.31 16.25
CA GLN C 133 20.54 8.18 15.37
C GLN C 133 20.90 9.56 14.80
N GLY C 134 19.89 10.38 14.55
CA GLY C 134 20.15 11.72 14.05
C GLY C 134 20.90 12.52 15.12
N LEU C 135 20.53 12.31 16.39
CA LEU C 135 21.18 13.02 17.48
C LEU C 135 22.63 12.55 17.55
N LYS C 136 22.82 11.24 17.44
CA LYS C 136 24.15 10.66 17.46
C LYS C 136 25.00 11.25 16.35
N LYS C 137 24.38 11.55 15.22
CA LYS C 137 25.11 12.11 14.10
C LYS C 137 25.44 13.58 14.31
N LYS C 138 24.75 14.24 15.22
CA LYS C 138 25.34 15.57 15.69
C LYS C 138 26.17 15.51 16.97
N LYS C 139 26.45 14.29 17.41
CA LYS C 139 27.23 14.07 18.60
C LYS C 139 26.55 14.68 19.81
N VAL C 140 25.26 14.38 19.91
CA VAL C 140 24.44 14.81 21.02
C VAL C 140 24.25 13.52 21.79
N ILE C 141 24.84 13.44 22.98
CA ILE C 141 24.72 12.25 23.82
C ILE C 141 23.31 12.23 24.41
N VAL C 142 22.68 11.06 24.42
CA VAL C 142 21.33 10.96 24.98
C VAL C 142 21.30 10.11 26.23
N ILE C 143 21.22 10.76 27.40
CA ILE C 143 21.18 10.05 28.66
C ILE C 143 19.71 9.88 29.12
N PRO C 144 19.24 8.63 29.13
CA PRO C 144 17.86 8.39 29.55
C PRO C 144 17.74 8.12 31.06
N VAL C 145 16.83 8.84 31.72
CA VAL C 145 16.62 8.63 33.14
C VAL C 145 15.17 8.15 33.34
N GLY C 146 15.03 6.87 33.60
CA GLY C 146 13.71 6.32 33.82
C GLY C 146 13.22 6.66 35.21
N ILE C 147 11.97 7.06 35.31
CA ILE C 147 11.37 7.41 36.60
C ILE C 147 10.02 6.72 36.70
N GLY C 148 9.86 5.85 37.69
CA GLY C 148 8.60 5.17 37.84
C GLY C 148 8.47 3.97 36.92
N PRO C 149 7.51 3.08 37.20
CA PRO C 149 7.20 1.86 36.46
C PRO C 149 6.53 2.05 35.11
N HIS C 150 6.35 3.29 34.68
CA HIS C 150 5.72 3.51 33.38
C HIS C 150 6.71 4.07 32.36
N ALA C 151 7.91 4.40 32.83
CA ALA C 151 8.94 4.93 31.96
C ALA C 151 9.16 3.87 30.88
N ASN C 152 9.18 4.30 29.63
CA ASN C 152 9.39 3.40 28.50
C ASN C 152 10.74 2.67 28.59
N LEU C 153 10.73 1.44 29.08
CA LEU C 153 11.97 0.67 29.20
C LEU C 153 12.52 0.28 27.85
N LYS C 154 11.63 -0.02 26.92
CA LYS C 154 12.05 -0.40 25.58
C LYS C 154 12.94 0.70 25.05
N GLN C 155 12.40 1.92 25.03
CA GLN C 155 13.13 3.08 24.52
C GLN C 155 14.40 3.38 25.28
N ILE C 156 14.41 3.07 26.57
CA ILE C 156 15.60 3.30 27.38
C ILE C 156 16.71 2.36 26.93
N ARG C 157 16.37 1.07 26.74
CA ARG C 157 17.33 0.08 26.29
C ARG C 157 17.78 0.42 24.88
N LEU C 158 16.81 0.80 24.05
CA LEU C 158 17.07 1.16 22.66
C LEU C 158 18.04 2.33 22.57
N ILE C 159 17.93 3.29 23.47
CA ILE C 159 18.82 4.44 23.42
C ILE C 159 20.23 4.06 23.83
N GLU C 160 20.35 3.13 24.76
CA GLU C 160 21.66 2.69 25.24
C GLU C 160 22.39 1.94 24.15
N LYS C 161 21.62 1.30 23.28
CA LYS C 161 22.18 0.52 22.19
C LYS C 161 22.62 1.36 21.00
N GLN C 162 22.10 2.56 20.85
CA GLN C 162 22.48 3.39 19.71
C GLN C 162 23.89 3.94 19.76
N ALA C 163 24.38 4.21 20.96
CA ALA C 163 25.71 4.75 21.12
C ALA C 163 26.26 4.31 22.45
N PRO C 164 27.57 4.07 22.53
CA PRO C 164 28.19 3.64 23.78
C PRO C 164 28.09 4.61 24.96
N GLU C 165 28.07 5.91 24.70
CA GLU C 165 27.98 6.91 25.78
C GLU C 165 26.58 7.10 26.36
N ASN C 166 25.57 6.59 25.66
CA ASN C 166 24.20 6.72 26.10
C ASN C 166 23.93 5.79 27.30
N LYS C 167 24.35 6.23 28.48
CA LYS C 167 24.15 5.47 29.71
C LYS C 167 22.79 5.80 30.34
N ALA C 168 22.09 4.77 30.80
CA ALA C 168 20.78 4.94 31.39
C ALA C 168 20.74 4.85 32.90
N PHE C 169 19.88 5.66 33.51
CA PHE C 169 19.70 5.67 34.96
C PHE C 169 18.24 5.32 35.20
N VAL C 170 18.02 4.09 35.67
CA VAL C 170 16.66 3.64 35.91
C VAL C 170 16.28 3.73 37.39
N LEU C 171 15.46 4.72 37.70
CA LEU C 171 14.98 5.00 39.05
C LEU C 171 13.53 4.55 39.25
N SER C 172 13.21 4.13 40.47
CA SER C 172 11.86 3.67 40.79
C SER C 172 10.88 4.81 41.05
N SER C 173 11.40 5.97 41.43
CA SER C 173 10.53 7.12 41.71
C SER C 173 11.33 8.41 41.73
N VAL C 174 10.63 9.54 41.65
CA VAL C 174 11.29 10.85 41.68
C VAL C 174 12.07 11.04 42.98
N ASP C 175 11.80 10.17 43.96
CA ASP C 175 12.48 10.25 45.24
C ASP C 175 13.92 9.82 45.14
N GLU C 176 14.22 8.97 44.14
CA GLU C 176 15.59 8.50 43.95
C GLU C 176 16.39 9.55 43.19
N LEU C 177 15.69 10.51 42.59
CA LEU C 177 16.36 11.54 41.85
C LEU C 177 17.49 12.18 42.65
N GLU C 178 17.19 12.54 43.89
CA GLU C 178 18.19 13.19 44.74
C GLU C 178 19.37 12.30 45.14
N GLN C 179 19.08 11.05 45.47
CA GLN C 179 20.12 10.09 45.87
C GLN C 179 21.16 9.91 44.77
N GLN C 180 20.68 9.86 43.52
CA GLN C 180 21.57 9.67 42.39
C GLN C 180 22.00 10.96 41.72
N ARG C 181 21.42 12.08 42.13
CA ARG C 181 21.75 13.36 41.53
C ARG C 181 23.23 13.56 41.31
N ASP C 182 24.04 13.22 42.31
CA ASP C 182 25.47 13.42 42.21
C ASP C 182 26.19 12.49 41.23
N GLU C 183 25.76 11.24 41.14
CA GLU C 183 26.38 10.30 40.21
C GLU C 183 26.02 10.72 38.81
N ILE C 184 24.80 11.21 38.64
CA ILE C 184 24.35 11.66 37.33
C ILE C 184 25.16 12.88 36.91
N VAL C 185 25.30 13.86 37.78
CA VAL C 185 26.05 15.06 37.45
C VAL C 185 27.50 14.73 37.16
N SER C 186 28.02 13.72 37.83
CA SER C 186 29.41 13.30 37.63
C SER C 186 29.57 12.73 36.22
N TYR C 187 28.72 11.75 35.88
CA TYR C 187 28.75 11.11 34.57
C TYR C 187 28.68 12.15 33.46
N LEU C 188 27.66 13.00 33.49
CA LEU C 188 27.50 14.02 32.48
C LEU C 188 28.71 14.93 32.38
N CYS C 189 29.31 15.25 33.52
CA CYS C 189 30.48 16.13 33.55
C CYS C 189 31.67 15.43 32.90
N ASP C 190 31.81 14.15 33.20
CA ASP C 190 32.89 13.33 32.66
C ASP C 190 32.78 13.09 31.14
N LEU C 191 31.62 13.38 30.56
CA LEU C 191 31.43 13.22 29.12
C LEU C 191 31.77 14.53 28.47
N ALA C 192 32.17 15.51 29.27
CA ALA C 192 32.52 16.82 28.76
C ALA C 192 34.02 17.08 28.92
N PRO C 193 34.60 17.89 28.03
CA PRO C 193 36.02 18.23 28.05
C PRO C 193 36.26 19.44 28.96
N GLU C 194 37.35 19.44 29.72
CA GLU C 194 37.61 20.63 30.53
C GLU C 194 38.16 21.65 29.55
N ALA C 195 38.19 22.91 29.94
CA ALA C 195 38.67 23.94 29.03
C ALA C 195 40.00 24.59 29.40
N PRO C 196 40.82 24.91 28.39
CA PRO C 196 42.14 25.55 28.51
C PRO C 196 42.06 27.05 28.16
#